data_7RBU
#
_entry.id   7RBU
#
_cell.length_a   1.00
_cell.length_b   1.00
_cell.length_c   1.00
_cell.angle_alpha   90.00
_cell.angle_beta   90.00
_cell.angle_gamma   90.00
#
_symmetry.space_group_name_H-M   'P 1'
#
loop_
_entity.id
_entity.type
_entity.pdbx_description
1 polymer 'Spike protein S1'
2 polymer 'PVI.V6-14 Fab heavy chain, variable region'
3 polymer 'PVI.V6-14 Fab light chain, variable region'
4 branched 2-acetamido-2-deoxy-beta-D-glucopyranose-(1-4)-2-acetamido-2-deoxy-beta-D-glucopyranose
5 non-polymer 2-acetamido-2-deoxy-beta-D-glucopyranose
#
loop_
_entity_poly.entity_id
_entity_poly.type
_entity_poly.pdbx_seq_one_letter_code
_entity_poly.pdbx_strand_id
1 'polypeptide(L)'
;QCVNLTTRTQLPPAYTNSFTRGVYYPDKVFRSSVLHSTQDLFLPFFSNVTWFHAIHVSGTNGTKRFDNPVLPFNDGVYFA
STEKSNIIRGWIFGTTLDSKTQSLLIVNNATNVVIKVCEFQFCNDPFLGVYYHKNNKSWMESEFRVYSSANNCTFEYVSQ
PFLMDLEGKQGNFKNLREFVFKNIDGYFKIYSKHTPINLVRDLPQGFSALEPLVDLPIGINITRFQTLLALHRSYLTPGD
SSSGWTAGAAAYYVGYLQPRTFLLKYNENGTITDAVDCALDPLSETKCTLKSFT
;
B
2 'polypeptide(L)'
;QVQLQESGPGLVKPSETLSLTCTVSGGSISSSSYYWGWIRQPPGKGLEWIGSIYYSGSTYYNPSLKSRVTISVDTSKNQF
SLKLSSVTAADTAVYYCARCRPEYYFGSGSYLDFDYWGQGTLVTVSS
;
H
3 'polypeptide(L)'
;DIQMTQSPSSVSASVGDRVTITCRASQGISSWLAWYQQKPGKAPKLLIYAASSLQSGVPSRFSGSGSGTDFTLTISSLQP
EDFATYYCQQANSFPLTFGGGTKVEIK
;
L
#
loop_
_chem_comp.id
_chem_comp.type
_chem_comp.name
_chem_comp.formula
NAG D-saccharide, beta linking 2-acetamido-2-deoxy-beta-D-glucopyranose 'C8 H15 N O6'
#
# COMPACT_ATOMS: atom_id res chain seq x y z
N GLN A 1 -16.32 1.32 24.20
CA GLN A 1 -17.43 2.26 24.40
C GLN A 1 -17.47 3.25 23.25
N CYS A 2 -18.68 3.69 22.88
CA CYS A 2 -18.87 4.58 21.74
C CYS A 2 -20.03 5.51 22.05
N VAL A 3 -20.09 6.61 21.29
CA VAL A 3 -21.02 7.70 21.54
C VAL A 3 -21.69 8.10 20.23
N ASN A 4 -22.83 8.78 20.35
CA ASN A 4 -23.54 9.34 19.21
C ASN A 4 -23.14 10.80 19.06
N LEU A 5 -22.83 11.20 17.83
CA LEU A 5 -22.47 12.59 17.55
C LEU A 5 -23.62 13.26 16.83
N THR A 6 -24.04 14.43 17.31
CA THR A 6 -25.27 15.09 16.83
C THR A 6 -25.03 16.59 16.65
N THR A 7 -24.56 16.99 15.47
CA THR A 7 -24.67 18.38 15.04
C THR A 7 -24.94 18.46 13.53
N ARG A 8 -25.62 17.47 12.99
CA ARG A 8 -25.77 17.34 11.54
C ARG A 8 -26.87 18.25 11.00
N THR A 9 -26.76 18.57 9.71
CA THR A 9 -27.77 19.30 8.97
C THR A 9 -28.63 18.30 8.19
N GLN A 10 -29.52 18.79 7.33
CA GLN A 10 -30.46 17.92 6.63
C GLN A 10 -30.55 18.30 5.16
N LEU A 11 -30.64 17.27 4.30
CA LEU A 11 -30.83 17.42 2.86
C LEU A 11 -31.08 16.06 2.22
N PRO A 12 -31.85 15.99 1.13
CA PRO A 12 -32.09 14.72 0.46
C PRO A 12 -30.94 14.35 -0.45
N PRO A 13 -30.81 13.07 -0.85
CA PRO A 13 -29.67 12.65 -1.67
C PRO A 13 -29.82 13.02 -3.14
N ALA A 14 -28.86 12.60 -3.96
CA ALA A 14 -28.89 12.92 -5.38
C ALA A 14 -28.47 11.69 -6.17
N TYR A 15 -28.62 11.80 -7.49
CA TYR A 15 -28.31 10.72 -8.42
C TYR A 15 -27.39 11.23 -9.53
N THR A 16 -26.51 10.37 -10.03
CA THR A 16 -25.59 10.75 -11.11
C THR A 16 -25.43 9.58 -12.07
N ASN A 17 -25.37 9.87 -13.36
CA ASN A 17 -25.28 8.85 -14.39
C ASN A 17 -23.91 8.21 -14.44
N SER A 18 -23.88 6.89 -14.54
CA SER A 18 -22.64 6.18 -14.78
C SER A 18 -22.49 5.92 -16.27
N PHE A 19 -21.33 6.24 -16.81
CA PHE A 19 -21.05 6.07 -18.21
C PHE A 19 -20.54 4.64 -18.42
N THR A 20 -19.92 4.37 -19.57
CA THR A 20 -19.49 3.02 -19.88
C THR A 20 -18.31 2.64 -18.98
N ARG A 21 -18.64 2.19 -17.77
CA ARG A 21 -17.62 1.75 -16.83
C ARG A 21 -18.20 0.72 -15.88
N GLY A 22 -17.33 -0.18 -15.41
CA GLY A 22 -17.72 -1.22 -14.49
C GLY A 22 -17.56 -2.64 -15.02
N VAL A 23 -16.58 -2.87 -15.88
CA VAL A 23 -16.38 -4.17 -16.49
C VAL A 23 -15.18 -4.85 -15.86
N TYR A 24 -15.24 -6.19 -15.79
CA TYR A 24 -14.20 -6.97 -15.14
C TYR A 24 -13.99 -8.27 -15.89
N TYR A 25 -12.83 -8.88 -15.66
CA TYR A 25 -12.52 -10.17 -16.27
C TYR A 25 -13.40 -11.25 -15.67
N PRO A 26 -14.16 -11.99 -16.46
CA PRO A 26 -15.15 -12.92 -15.91
C PRO A 26 -14.66 -14.34 -15.67
N ASP A 27 -13.41 -14.67 -15.97
CA ASP A 27 -12.90 -16.02 -15.79
C ASP A 27 -11.38 -15.97 -15.79
N LYS A 28 -10.74 -17.13 -15.93
CA LYS A 28 -9.30 -17.24 -15.84
C LYS A 28 -8.61 -17.53 -17.17
N VAL A 29 -9.36 -17.71 -18.25
CA VAL A 29 -8.73 -18.07 -19.52
C VAL A 29 -8.14 -16.83 -20.18
N PHE A 30 -7.18 -17.06 -21.07
CA PHE A 30 -6.48 -16.00 -21.80
C PHE A 30 -6.87 -16.06 -23.27
N ARG A 31 -7.32 -14.93 -23.81
CA ARG A 31 -7.67 -14.82 -25.21
C ARG A 31 -7.01 -13.59 -25.80
N SER A 32 -6.94 -13.55 -27.13
CA SER A 32 -6.33 -12.42 -27.82
C SER A 32 -6.97 -12.27 -29.19
N SER A 33 -7.32 -11.04 -29.55
CA SER A 33 -7.89 -10.70 -30.86
C SER A 33 -9.16 -11.52 -31.13
N VAL A 34 -10.11 -11.43 -30.21
CA VAL A 34 -11.39 -12.12 -30.32
C VAL A 34 -12.50 -11.18 -29.89
N LEU A 35 -13.72 -11.54 -30.28
CA LEU A 35 -14.94 -10.88 -29.83
C LEU A 35 -15.76 -11.93 -29.10
N HIS A 36 -15.84 -11.82 -27.77
CA HIS A 36 -16.44 -12.86 -26.95
C HIS A 36 -17.73 -12.38 -26.31
N SER A 37 -18.77 -13.19 -26.40
CA SER A 37 -20.06 -12.91 -25.80
C SER A 37 -20.15 -13.63 -24.47
N THR A 38 -20.52 -12.91 -23.42
CA THR A 38 -20.57 -13.45 -22.07
C THR A 38 -21.90 -13.15 -21.41
N GLN A 39 -22.36 -14.09 -20.58
CA GLN A 39 -23.54 -13.93 -19.75
C GLN A 39 -23.07 -13.90 -18.30
N ASP A 40 -23.40 -12.84 -17.57
CA ASP A 40 -22.97 -12.79 -16.17
C ASP A 40 -23.67 -11.63 -15.47
N LEU A 41 -23.34 -11.45 -14.19
CA LEU A 41 -23.78 -10.27 -13.46
C LEU A 41 -22.89 -9.08 -13.83
N PHE A 42 -23.51 -8.03 -14.36
CA PHE A 42 -22.82 -6.82 -14.77
C PHE A 42 -23.64 -5.62 -14.35
N LEU A 43 -23.03 -4.44 -14.45
CA LEU A 43 -23.73 -3.19 -14.20
C LEU A 43 -24.19 -2.59 -15.52
N PRO A 44 -25.48 -2.30 -15.70
CA PRO A 44 -25.93 -1.79 -16.99
C PRO A 44 -25.31 -0.46 -17.35
N PHE A 45 -25.11 -0.26 -18.65
CA PHE A 45 -24.59 1.01 -19.15
C PHE A 45 -25.65 2.10 -19.01
N PHE A 46 -25.20 3.30 -18.64
CA PHE A 46 -26.07 4.46 -18.46
C PHE A 46 -27.14 4.21 -17.40
N SER A 47 -26.69 3.87 -16.20
CA SER A 47 -27.61 3.55 -15.11
C SER A 47 -27.42 4.52 -13.95
N ASN A 48 -28.50 4.71 -13.19
CA ASN A 48 -28.43 5.54 -11.99
C ASN A 48 -27.46 4.96 -10.98
N VAL A 49 -26.62 5.83 -10.42
CA VAL A 49 -25.84 5.50 -9.23
C VAL A 49 -26.05 6.61 -8.23
N THR A 50 -25.88 6.26 -6.95
CA THR A 50 -26.23 7.16 -5.86
C THR A 50 -24.98 7.81 -5.28
N TRP A 51 -25.13 9.07 -4.89
CA TRP A 51 -24.06 9.99 -4.52
C TRP A 51 -24.10 10.26 -3.03
N PHE A 52 -22.93 10.20 -2.37
CA PHE A 52 -22.83 10.49 -0.96
C PHE A 52 -21.62 11.39 -0.70
N HIS A 53 -21.83 12.44 0.09
CA HIS A 53 -20.83 13.44 0.42
C HIS A 53 -20.29 13.27 1.84
N ALA A 54 -19.14 13.89 2.05
CA ALA A 54 -18.65 14.20 3.39
C ALA A 54 -17.86 15.49 3.26
N ILE A 55 -18.53 16.61 3.55
CA ILE A 55 -17.96 17.95 3.41
C ILE A 55 -18.54 18.84 4.50
N HIS A 56 -17.70 19.71 5.07
CA HIS A 56 -18.10 20.67 6.09
C HIS A 56 -17.72 22.07 5.64
N VAL A 57 -18.62 23.03 5.85
CA VAL A 57 -18.38 24.42 5.50
C VAL A 57 -18.91 25.31 6.60
N SER A 58 -18.35 26.52 6.70
CA SER A 58 -18.76 27.50 7.69
C SER A 58 -18.88 28.86 7.02
N GLY A 59 -19.28 29.85 7.80
CA GLY A 59 -19.45 31.20 7.27
C GLY A 59 -20.81 31.55 6.72
N THR A 60 -21.30 30.79 5.74
CA THR A 60 -22.59 31.02 5.12
C THR A 60 -23.57 29.98 5.65
N ASN A 61 -24.54 30.45 6.45
CA ASN A 61 -25.55 29.58 7.05
C ASN A 61 -24.91 28.43 7.80
N GLY A 62 -25.52 27.24 7.71
CA GLY A 62 -24.95 26.06 8.34
C GLY A 62 -25.10 24.83 7.46
N THR A 63 -23.97 24.19 7.13
CA THR A 63 -23.97 23.02 6.25
C THR A 63 -22.87 22.07 6.73
N LYS A 64 -23.28 21.10 7.54
CA LYS A 64 -22.41 20.00 7.96
C LYS A 64 -23.06 18.69 7.57
N ARG A 65 -22.35 17.89 6.79
CA ARG A 65 -22.83 16.59 6.35
C ARG A 65 -21.81 15.52 6.69
N PHE A 66 -22.28 14.38 7.18
CA PHE A 66 -21.44 13.23 7.45
C PHE A 66 -22.34 12.00 7.30
N ASP A 67 -22.31 11.38 6.13
CA ASP A 67 -23.28 10.34 5.78
C ASP A 67 -22.61 8.97 5.71
N ASN A 68 -23.15 8.02 6.46
CA ASN A 68 -22.76 6.61 6.35
C ASN A 68 -23.95 5.73 6.74
N PRO A 69 -24.97 5.67 5.90
CA PRO A 69 -26.19 4.94 6.26
C PRO A 69 -26.08 3.46 5.94
N VAL A 70 -27.02 2.70 6.48
CA VAL A 70 -27.09 1.27 6.23
C VAL A 70 -27.85 1.04 4.92
N LEU A 71 -27.26 0.25 4.03
CA LEU A 71 -27.80 0.05 2.69
C LEU A 71 -27.91 -1.42 2.37
N PRO A 72 -28.87 -1.81 1.52
CA PRO A 72 -29.02 -3.21 1.15
C PRO A 72 -27.93 -3.66 0.18
N PHE A 73 -27.79 -4.98 0.10
CA PHE A 73 -26.76 -5.63 -0.71
C PHE A 73 -27.32 -6.16 -2.03
N ASN A 74 -28.48 -6.80 -2.01
CA ASN A 74 -29.13 -7.36 -3.20
C ASN A 74 -28.16 -8.39 -3.80
N ASP A 75 -27.75 -8.25 -5.06
CA ASP A 75 -26.94 -9.29 -5.69
C ASP A 75 -25.45 -8.97 -5.66
N GLY A 76 -25.08 -7.70 -5.64
CA GLY A 76 -23.67 -7.33 -5.63
C GLY A 76 -23.53 -5.82 -5.56
N VAL A 77 -22.29 -5.36 -5.37
CA VAL A 77 -22.06 -3.93 -5.18
C VAL A 77 -20.91 -3.44 -6.05
N TYR A 78 -21.10 -2.28 -6.68
CA TYR A 78 -20.05 -1.53 -7.33
C TYR A 78 -19.83 -0.23 -6.57
N PHE A 79 -18.59 0.01 -6.15
CA PHE A 79 -18.22 1.07 -5.22
C PHE A 79 -17.16 1.96 -5.86
N ALA A 80 -17.34 3.26 -5.80
CA ALA A 80 -16.34 4.19 -6.31
C ALA A 80 -16.11 5.31 -5.31
N SER A 81 -14.85 5.73 -5.19
CA SER A 81 -14.51 6.74 -4.20
C SER A 81 -13.55 7.77 -4.79
N THR A 82 -13.84 9.05 -4.50
CA THR A 82 -13.00 10.17 -4.91
C THR A 82 -12.61 10.98 -3.67
N GLU A 83 -11.31 11.21 -3.52
CA GLU A 83 -10.74 11.83 -2.32
C GLU A 83 -9.47 12.60 -2.65
N LYS A 84 -9.20 13.61 -1.83
CA LYS A 84 -7.94 14.33 -1.87
C LYS A 84 -6.91 13.77 -0.89
N SER A 85 -7.38 13.09 0.15
CA SER A 85 -6.53 12.46 1.15
C SER A 85 -7.13 11.10 1.48
N ASN A 86 -6.71 10.48 2.59
CA ASN A 86 -7.28 9.18 2.92
C ASN A 86 -8.39 9.39 3.97
N ILE A 87 -9.64 9.29 3.51
CA ILE A 87 -10.80 9.51 4.36
C ILE A 87 -11.69 8.27 4.49
N ILE A 88 -11.75 7.40 3.49
CA ILE A 88 -12.47 6.13 3.63
C ILE A 88 -11.48 5.08 4.09
N ARG A 89 -11.91 4.23 5.01
CA ARG A 89 -11.07 3.16 5.55
C ARG A 89 -11.59 1.77 5.19
N GLY A 90 -12.85 1.47 5.48
CA GLY A 90 -13.32 0.12 5.25
C GLY A 90 -14.79 -0.12 5.49
N TRP A 91 -15.15 -1.38 5.71
CA TRP A 91 -16.55 -1.77 5.63
C TRP A 91 -16.87 -2.81 6.69
N ILE A 92 -18.16 -2.88 7.04
CA ILE A 92 -18.74 -3.97 7.81
C ILE A 92 -19.86 -4.59 7.00
N PHE A 93 -19.86 -5.92 6.90
CA PHE A 93 -20.88 -6.67 6.18
C PHE A 93 -21.59 -7.60 7.15
N GLY A 94 -22.88 -7.80 6.94
CA GLY A 94 -23.61 -8.72 7.80
C GLY A 94 -25.05 -8.85 7.38
N THR A 95 -25.84 -9.48 8.24
CA THR A 95 -27.27 -9.68 7.99
C THR A 95 -28.17 -9.08 9.06
N THR A 96 -27.70 -9.00 10.30
CA THR A 96 -28.46 -8.33 11.35
C THR A 96 -27.63 -7.37 12.18
N LEU A 97 -26.30 -7.45 12.12
CA LEU A 97 -25.40 -6.50 12.78
C LEU A 97 -25.69 -6.43 14.27
N ASP A 98 -25.83 -7.60 14.90
CA ASP A 98 -26.10 -7.72 16.32
C ASP A 98 -25.33 -8.92 16.84
N SER A 99 -25.66 -9.37 18.05
CA SER A 99 -24.93 -10.44 18.69
C SER A 99 -25.50 -11.82 18.40
N LYS A 100 -26.52 -11.94 17.55
CA LYS A 100 -27.14 -13.22 17.26
C LYS A 100 -26.64 -13.85 15.98
N THR A 101 -25.77 -13.19 15.22
CA THR A 101 -25.33 -13.72 13.94
C THR A 101 -23.97 -13.11 13.61
N GLN A 102 -23.23 -13.79 12.75
CA GLN A 102 -21.85 -13.47 12.40
C GLN A 102 -21.78 -12.22 11.52
N SER A 103 -20.57 -11.70 11.35
CA SER A 103 -20.35 -10.53 10.51
C SER A 103 -18.92 -10.54 9.98
N LEU A 104 -18.67 -9.70 8.99
CA LEU A 104 -17.37 -9.59 8.33
C LEU A 104 -16.87 -8.16 8.44
N LEU A 105 -15.56 -8.00 8.65
CA LEU A 105 -14.98 -6.69 8.92
C LEU A 105 -13.69 -6.52 8.14
N ILE A 106 -13.58 -5.39 7.43
CA ILE A 106 -12.34 -5.02 6.74
C ILE A 106 -12.00 -3.60 7.16
N VAL A 107 -10.81 -3.40 7.73
CA VAL A 107 -10.46 -2.10 8.30
C VAL A 107 -8.99 -1.79 8.06
N ASN A 108 -8.69 -0.52 7.82
CA ASN A 108 -7.33 0.02 7.78
C ASN A 108 -7.20 1.08 8.86
N ASN A 109 -6.13 1.02 9.65
CA ASN A 109 -5.95 1.93 10.77
C ASN A 109 -4.54 2.51 10.82
N ALA A 110 -3.98 2.80 9.64
CA ALA A 110 -2.73 3.51 9.39
C ALA A 110 -1.49 2.75 9.83
N THR A 111 -1.61 1.54 10.32
CA THR A 111 -0.46 0.69 10.57
C THR A 111 -0.60 -0.70 9.95
N ASN A 112 -1.81 -1.25 9.94
CA ASN A 112 -2.04 -2.60 9.45
C ASN A 112 -3.45 -2.68 8.87
N VAL A 113 -3.64 -3.59 7.93
CA VAL A 113 -4.96 -3.89 7.37
C VAL A 113 -5.46 -5.19 7.98
N VAL A 114 -6.68 -5.15 8.50
CA VAL A 114 -7.23 -6.24 9.31
C VAL A 114 -8.46 -6.78 8.60
N ILE A 115 -8.49 -8.10 8.40
CA ILE A 115 -9.65 -8.80 7.85
C ILE A 115 -10.09 -9.82 8.88
N LYS A 116 -11.34 -9.71 9.34
CA LYS A 116 -11.85 -10.59 10.37
C LYS A 116 -13.24 -11.07 9.99
N VAL A 117 -13.57 -12.30 10.41
CA VAL A 117 -14.93 -12.81 10.31
C VAL A 117 -15.31 -13.31 11.69
N CYS A 118 -16.28 -12.66 12.33
CA CYS A 118 -16.44 -12.87 13.75
C CYS A 118 -17.82 -12.40 14.18
N GLU A 119 -18.20 -12.78 15.40
CA GLU A 119 -19.42 -12.26 16.02
C GLU A 119 -19.11 -10.95 16.74
N PHE A 120 -19.89 -9.91 16.44
CA PHE A 120 -19.66 -8.57 16.96
C PHE A 120 -20.97 -7.99 17.46
N GLN A 121 -20.90 -6.76 17.98
CA GLN A 121 -22.07 -5.94 18.26
C GLN A 121 -21.72 -4.49 17.93
N PHE A 122 -21.96 -4.11 16.69
CA PHE A 122 -21.65 -2.75 16.25
C PHE A 122 -22.63 -1.78 16.88
N CYS A 123 -22.16 -0.57 17.19
CA CYS A 123 -23.05 0.45 17.70
C CYS A 123 -23.40 1.42 16.59
N ASN A 124 -24.22 2.43 16.92
CA ASN A 124 -24.96 3.17 15.90
C ASN A 124 -24.02 3.87 14.92
N ASP A 125 -23.05 4.62 15.44
CA ASP A 125 -22.19 5.46 14.61
C ASP A 125 -20.74 5.03 14.77
N PRO A 126 -20.25 4.12 13.93
CA PRO A 126 -18.83 3.78 13.96
C PRO A 126 -18.00 4.82 13.21
N PHE A 127 -16.88 5.23 13.80
CA PHE A 127 -16.02 6.20 13.16
C PHE A 127 -14.61 6.10 13.75
N LEU A 128 -13.63 6.56 12.98
CA LEU A 128 -12.24 6.67 13.40
C LEU A 128 -11.84 8.14 13.36
N GLY A 129 -10.78 8.48 14.10
CA GLY A 129 -10.46 9.89 14.29
C GLY A 129 -8.97 10.15 14.40
N VAL A 130 -8.62 11.44 14.20
CA VAL A 130 -7.25 11.91 14.25
C VAL A 130 -7.20 13.20 15.05
N TYR A 131 -5.99 13.70 15.30
CA TYR A 131 -5.79 14.92 16.07
C TYR A 131 -4.66 15.73 15.45
N TYR A 132 -4.83 17.05 15.42
CA TYR A 132 -3.81 17.97 14.93
C TYR A 132 -3.23 18.75 16.12
N HIS A 133 -1.93 18.59 16.36
CA HIS A 133 -1.25 19.23 17.47
C HIS A 133 -0.46 20.43 16.97
N LYS A 134 -0.59 21.57 17.65
CA LYS A 134 0.11 22.77 17.23
C LYS A 134 1.59 22.76 17.60
N ASN A 135 1.95 22.20 18.75
CA ASN A 135 3.34 22.22 19.18
C ASN A 135 4.21 21.31 18.30
N ASN A 136 3.62 20.23 17.80
CA ASN A 136 4.34 19.25 17.02
C ASN A 136 4.39 19.57 15.53
N LYS A 137 3.33 20.21 15.00
CA LYS A 137 3.09 20.25 13.57
C LYS A 137 3.03 18.84 12.98
N SER A 138 2.43 17.92 13.73
CA SER A 138 2.34 16.52 13.35
C SER A 138 0.89 16.07 13.45
N TRP A 139 0.49 15.18 12.54
CA TRP A 139 -0.89 14.70 12.46
C TRP A 139 -1.09 13.33 13.11
N MET A 140 -0.91 13.23 14.44
CA MET A 140 -0.92 11.95 15.12
C MET A 140 -2.34 11.44 15.28
N GLU A 141 -2.50 10.11 15.32
CA GLU A 141 -3.80 9.46 15.25
C GLU A 141 -4.09 8.62 16.48
N SER A 142 -5.22 8.89 17.15
CA SER A 142 -5.66 8.04 18.26
C SER A 142 -7.19 8.12 18.37
N GLU A 143 -7.88 7.14 17.80
CA GLU A 143 -9.32 6.95 17.95
C GLU A 143 -9.72 5.63 17.30
N PHE A 144 -10.58 4.86 17.98
CA PHE A 144 -11.14 3.64 17.39
C PHE A 144 -12.41 3.29 18.14
N ARG A 145 -13.57 3.58 17.54
CA ARG A 145 -14.87 3.26 18.13
C ARG A 145 -15.76 2.64 17.06
N VAL A 146 -15.68 1.32 16.90
CA VAL A 146 -16.42 0.62 15.85
C VAL A 146 -17.28 -0.48 16.44
N TYR A 147 -16.89 -1.00 17.60
CA TYR A 147 -17.64 -2.06 18.25
C TYR A 147 -17.40 -2.02 19.75
N SER A 148 -18.14 -2.86 20.48
CA SER A 148 -17.99 -2.94 21.93
C SER A 148 -18.03 -4.36 22.46
N SER A 149 -18.12 -5.37 21.58
CA SER A 149 -18.20 -6.80 22.00
C SER A 149 -17.86 -7.74 20.84
N ALA A 150 -16.77 -8.50 20.94
CA ALA A 150 -16.35 -9.45 19.88
C ALA A 150 -16.03 -10.81 20.48
N ASN A 151 -16.48 -11.90 19.87
CA ASN A 151 -16.27 -13.23 20.49
C ASN A 151 -16.30 -14.35 19.45
N ASN A 152 -15.86 -15.55 19.81
CA ASN A 152 -15.95 -16.74 18.91
C ASN A 152 -15.43 -16.46 17.50
N CYS A 153 -14.20 -15.94 17.33
CA CYS A 153 -13.75 -15.55 15.95
C CYS A 153 -13.21 -16.77 15.18
N THR A 154 -13.54 -16.86 13.90
CA THR A 154 -13.12 -18.00 13.03
C THR A 154 -11.90 -17.63 12.16
N PHE A 155 -11.99 -16.70 11.21
CA PHE A 155 -10.82 -16.29 10.40
C PHE A 155 -10.18 -15.01 10.96
N GLU A 156 -8.85 -14.88 10.86
CA GLU A 156 -8.13 -13.66 11.34
C GLU A 156 -6.97 -13.40 10.39
N TYR A 157 -6.83 -12.17 9.89
CA TYR A 157 -5.67 -11.90 9.05
C TYR A 157 -5.19 -10.49 9.30
N VAL A 158 -3.94 -10.37 9.75
CA VAL A 158 -3.30 -9.09 10.07
C VAL A 158 -2.03 -9.00 9.24
N SER A 159 -1.83 -7.88 8.55
CA SER A 159 -0.85 -7.79 7.49
C SER A 159 0.42 -7.08 7.94
N GLN A 160 1.33 -6.94 6.98
CA GLN A 160 2.65 -6.37 7.25
C GLN A 160 2.55 -4.87 7.50
N PRO A 161 3.29 -4.34 8.48
CA PRO A 161 3.15 -2.92 8.81
C PRO A 161 3.63 -2.03 7.68
N PHE A 162 3.03 -0.84 7.58
CA PHE A 162 3.41 0.12 6.58
C PHE A 162 3.22 1.53 7.12
N LEU A 163 3.60 2.52 6.32
CA LEU A 163 3.47 3.92 6.63
C LEU A 163 2.49 4.57 5.67
N MET A 164 1.88 5.67 6.11
CA MET A 164 0.91 6.36 5.27
C MET A 164 0.78 7.79 5.76
N ASP A 165 0.41 8.69 4.86
CA ASP A 165 0.16 10.09 5.20
C ASP A 165 -1.25 10.27 5.73
N LEU A 166 -1.39 11.24 6.63
CA LEU A 166 -2.69 11.61 7.20
C LEU A 166 -2.89 13.12 7.17
N GLU A 167 -2.14 13.82 6.32
CA GLU A 167 -2.04 15.27 6.41
C GLU A 167 -3.39 15.94 6.21
N GLY A 168 -3.94 15.85 5.00
CA GLY A 168 -5.18 16.51 4.68
C GLY A 168 -4.99 17.84 3.99
N LYS A 169 -5.22 17.88 2.68
CA LYS A 169 -4.97 19.07 1.87
C LYS A 169 -6.29 19.68 1.41
N GLN A 170 -6.18 20.72 0.60
CA GLN A 170 -7.33 21.42 0.04
C GLN A 170 -7.13 21.63 -1.45
N GLY A 171 -8.23 21.59 -2.20
CA GLY A 171 -8.19 21.82 -3.63
C GLY A 171 -9.02 20.87 -4.45
N ASN A 172 -8.44 20.33 -5.51
CA ASN A 172 -9.12 19.42 -6.41
C ASN A 172 -8.76 17.97 -6.08
N PHE A 173 -9.68 17.06 -6.39
CA PHE A 173 -9.43 15.65 -6.16
C PHE A 173 -8.36 15.13 -7.10
N LYS A 174 -7.56 14.16 -6.63
CA LYS A 174 -6.45 13.66 -7.44
C LYS A 174 -6.28 12.16 -7.32
N ASN A 175 -7.34 11.43 -6.96
CA ASN A 175 -7.30 9.97 -6.97
C ASN A 175 -8.70 9.44 -7.21
N LEU A 176 -8.76 8.21 -7.73
CA LEU A 176 -10.03 7.54 -7.94
C LEU A 176 -9.83 6.06 -7.70
N ARG A 177 -10.65 5.47 -6.83
CA ARG A 177 -10.52 4.05 -6.54
C ARG A 177 -11.85 3.35 -6.70
N GLU A 178 -11.87 2.24 -7.43
CA GLU A 178 -13.08 1.50 -7.71
C GLU A 178 -12.94 0.05 -7.24
N PHE A 179 -14.01 -0.47 -6.64
CA PHE A 179 -14.09 -1.83 -6.13
C PHE A 179 -15.37 -2.49 -6.62
N VAL A 180 -15.31 -3.82 -6.75
CA VAL A 180 -16.49 -4.64 -7.04
C VAL A 180 -16.55 -5.78 -6.04
N PHE A 181 -17.70 -5.93 -5.40
CA PHE A 181 -17.94 -6.94 -4.37
C PHE A 181 -18.99 -7.92 -4.84
N LYS A 182 -18.65 -9.21 -4.82
CA LYS A 182 -19.56 -10.28 -5.20
C LYS A 182 -19.49 -11.40 -4.19
N ASN A 183 -20.63 -12.05 -3.93
CA ASN A 183 -20.71 -13.15 -2.98
C ASN A 183 -21.39 -14.34 -3.67
N ILE A 184 -20.62 -15.39 -3.96
CA ILE A 184 -21.16 -16.52 -4.70
C ILE A 184 -20.56 -17.80 -4.14
N ASP A 185 -21.37 -18.86 -4.18
CA ASP A 185 -21.04 -20.16 -3.59
C ASP A 185 -20.74 -19.90 -2.11
N GLY A 186 -19.64 -20.41 -1.57
CA GLY A 186 -19.26 -20.10 -0.21
C GLY A 186 -18.11 -19.12 -0.18
N TYR A 187 -18.00 -18.32 -1.24
CA TYR A 187 -16.83 -17.49 -1.47
C TYR A 187 -17.20 -16.02 -1.59
N PHE A 188 -16.27 -15.19 -1.13
CA PHE A 188 -16.36 -13.74 -1.22
C PHE A 188 -15.28 -13.26 -2.18
N LYS A 189 -15.67 -12.54 -3.22
CA LYS A 189 -14.75 -12.12 -4.28
C LYS A 189 -14.70 -10.61 -4.37
N ILE A 190 -13.47 -10.07 -4.41
CA ILE A 190 -13.22 -8.64 -4.42
C ILE A 190 -12.29 -8.29 -5.58
N TYR A 191 -12.73 -7.35 -6.43
CA TYR A 191 -11.96 -6.81 -7.55
C TYR A 191 -11.70 -5.32 -7.33
N SER A 192 -10.60 -4.81 -7.92
CA SER A 192 -10.19 -3.44 -7.63
C SER A 192 -9.47 -2.81 -8.81
N LYS A 193 -9.45 -1.48 -8.82
CA LYS A 193 -8.65 -0.70 -9.77
C LYS A 193 -8.48 0.72 -9.24
N HIS A 194 -7.41 1.39 -9.70
CA HIS A 194 -7.04 2.73 -9.28
C HIS A 194 -6.69 3.59 -10.50
N THR A 195 -6.98 4.89 -10.43
CA THR A 195 -6.62 5.76 -11.54
C THR A 195 -6.53 7.21 -11.08
N PRO A 196 -5.67 8.02 -11.71
CA PRO A 196 -5.59 9.44 -11.35
C PRO A 196 -6.50 10.32 -12.19
N ILE A 197 -6.98 11.40 -11.57
CA ILE A 197 -7.94 12.34 -12.17
C ILE A 197 -7.61 13.74 -11.69
N ASN A 198 -8.23 14.74 -12.30
CA ASN A 198 -8.08 16.13 -11.88
C ASN A 198 -9.41 16.87 -11.97
N LEU A 199 -10.49 16.23 -11.53
CA LEU A 199 -11.82 16.82 -11.65
C LEU A 199 -12.09 17.74 -10.45
N VAL A 200 -13.30 18.29 -10.38
CA VAL A 200 -13.71 19.12 -9.24
C VAL A 200 -15.04 18.61 -8.71
N ARG A 201 -15.82 17.94 -9.56
CA ARG A 201 -17.14 17.44 -9.18
C ARG A 201 -17.66 16.44 -10.21
N ASP A 202 -18.19 15.31 -9.73
CA ASP A 202 -18.93 14.29 -10.48
C ASP A 202 -18.01 13.18 -10.95
N LEU A 203 -18.59 12.15 -11.57
CA LEU A 203 -17.85 10.94 -11.91
C LEU A 203 -17.31 11.04 -13.33
N PRO A 204 -16.07 10.63 -13.57
CA PRO A 204 -15.50 10.72 -14.91
C PRO A 204 -16.21 9.81 -15.90
N GLN A 205 -16.09 10.14 -17.18
CA GLN A 205 -16.61 9.32 -18.27
C GLN A 205 -15.43 8.79 -19.07
N GLY A 206 -15.36 7.47 -19.21
CA GLY A 206 -14.26 6.83 -19.91
C GLY A 206 -14.44 5.32 -19.95
N PHE A 207 -13.35 4.57 -19.85
CA PHE A 207 -13.43 3.12 -19.76
C PHE A 207 -12.22 2.57 -19.03
N SER A 208 -12.47 1.54 -18.22
CA SER A 208 -11.40 0.87 -17.49
C SER A 208 -11.79 -0.59 -17.29
N ALA A 209 -10.79 -1.42 -17.06
CA ALA A 209 -10.98 -2.84 -16.81
C ALA A 209 -10.51 -3.17 -15.41
N LEU A 210 -11.27 -4.03 -14.72
CA LEU A 210 -10.98 -4.42 -13.35
C LEU A 210 -10.36 -5.81 -13.34
N GLU A 211 -9.46 -6.05 -12.39
CA GLU A 211 -8.73 -7.30 -12.29
C GLU A 211 -8.97 -7.94 -10.93
N PRO A 212 -8.90 -9.27 -10.84
CA PRO A 212 -9.18 -9.93 -9.56
C PRO A 212 -8.15 -9.56 -8.49
N LEU A 213 -8.62 -9.42 -7.26
CA LEU A 213 -7.75 -9.10 -6.14
C LEU A 213 -7.78 -10.16 -5.05
N VAL A 214 -8.94 -10.49 -4.49
CA VAL A 214 -8.97 -11.36 -3.31
C VAL A 214 -10.16 -12.30 -3.40
N ASP A 215 -9.91 -13.56 -3.03
CA ASP A 215 -10.96 -14.58 -2.88
C ASP A 215 -10.86 -15.16 -1.49
N LEU A 216 -11.93 -15.07 -0.72
CA LEU A 216 -11.94 -15.53 0.66
C LEU A 216 -12.98 -16.60 0.87
N PRO A 217 -12.60 -17.76 1.41
CA PRO A 217 -13.59 -18.77 1.82
C PRO A 217 -14.13 -18.47 3.21
N ILE A 218 -15.38 -18.03 3.28
CA ILE A 218 -15.95 -17.63 4.55
C ILE A 218 -17.24 -18.40 4.83
N GLY A 219 -18.22 -18.25 3.95
CA GLY A 219 -19.49 -18.94 4.13
C GLY A 219 -20.53 -18.25 4.98
N ILE A 220 -20.51 -16.92 5.06
CA ILE A 220 -21.52 -16.18 5.81
C ILE A 220 -22.71 -15.84 4.93
N ASN A 221 -23.79 -15.39 5.54
CA ASN A 221 -24.98 -14.93 4.84
C ASN A 221 -25.01 -13.41 4.90
N ILE A 222 -25.04 -12.76 3.73
CA ILE A 222 -24.87 -11.31 3.63
C ILE A 222 -26.14 -10.71 3.05
N THR A 223 -26.67 -9.68 3.73
CA THR A 223 -27.83 -8.98 3.21
C THR A 223 -27.66 -7.46 3.27
N ARG A 224 -26.83 -6.95 4.18
CA ARG A 224 -26.65 -5.51 4.34
C ARG A 224 -25.20 -5.20 4.67
N PHE A 225 -24.83 -3.93 4.47
CA PHE A 225 -23.46 -3.50 4.71
C PHE A 225 -23.42 -2.00 5.02
N GLN A 226 -22.31 -1.59 5.65
CA GLN A 226 -22.13 -0.19 6.06
C GLN A 226 -20.66 0.20 5.93
N THR A 227 -20.44 1.51 5.87
CA THR A 227 -19.16 2.13 5.56
C THR A 227 -18.56 2.76 6.81
N LEU A 228 -17.23 2.85 6.84
CA LEU A 228 -16.53 3.53 7.93
C LEU A 228 -15.68 4.65 7.37
N LEU A 229 -15.68 5.79 8.06
CA LEU A 229 -14.98 7.00 7.66
C LEU A 229 -14.04 7.45 8.77
N ALA A 230 -13.35 8.56 8.52
CA ALA A 230 -12.45 9.16 9.49
C ALA A 230 -12.74 10.65 9.60
N LEU A 231 -12.65 11.18 10.82
CA LEU A 231 -12.95 12.57 11.08
C LEU A 231 -11.80 13.22 11.84
N HIS A 232 -11.62 14.53 11.61
CA HIS A 232 -10.58 15.32 12.24
C HIS A 232 -11.07 15.87 13.57
N ARG A 233 -10.14 16.36 14.38
CA ARG A 233 -10.44 16.95 15.67
C ARG A 233 -9.24 17.75 16.17
N SER A 234 -9.41 19.07 16.35
CA SER A 234 -8.27 19.91 16.68
C SER A 234 -8.65 21.04 17.62
N TYR A 235 -7.76 22.02 17.77
CA TYR A 235 -7.97 23.16 18.65
C TYR A 235 -9.04 24.13 18.14
N LEU A 236 -9.35 24.10 16.85
CA LEU A 236 -10.33 25.01 16.28
C LEU A 236 -11.75 24.45 16.30
N THR A 237 -11.95 23.25 16.85
CA THR A 237 -13.27 22.69 17.01
C THR A 237 -13.58 22.51 18.49
N PRO A 238 -13.97 23.57 19.18
CA PRO A 238 -14.15 23.50 20.63
C PRO A 238 -15.48 22.84 21.00
N GLY A 239 -15.71 22.76 22.30
CA GLY A 239 -16.93 22.19 22.83
C GLY A 239 -16.68 21.02 23.75
N ASP A 240 -17.19 19.86 23.37
CA ASP A 240 -17.05 18.62 24.13
C ASP A 240 -17.31 17.47 23.17
N SER A 241 -17.04 16.25 23.63
CA SER A 241 -17.26 15.09 22.79
C SER A 241 -18.72 14.99 22.39
N SER A 242 -18.96 14.40 21.22
CA SER A 242 -20.28 14.26 20.60
C SER A 242 -20.79 15.60 20.06
N SER A 243 -20.06 16.68 20.29
CA SER A 243 -20.46 17.98 19.76
C SER A 243 -19.28 18.77 19.20
N GLY A 244 -18.06 18.27 19.33
CA GLY A 244 -16.91 18.95 18.77
C GLY A 244 -16.12 18.11 17.79
N TRP A 245 -16.19 18.47 16.51
CA TRP A 245 -15.54 17.72 15.45
C TRP A 245 -15.73 18.46 14.14
N THR A 246 -14.90 18.12 13.16
CA THR A 246 -15.00 18.66 11.81
C THR A 246 -14.84 17.53 10.81
N ALA A 247 -15.36 17.74 9.61
CA ALA A 247 -15.26 16.77 8.53
C ALA A 247 -14.19 17.19 7.54
N GLY A 248 -13.80 16.26 6.68
CA GLY A 248 -12.79 16.55 5.67
C GLY A 248 -13.39 16.93 4.34
N ALA A 249 -13.07 16.18 3.29
CA ALA A 249 -13.67 16.41 1.98
C ALA A 249 -13.54 15.11 1.18
N ALA A 250 -14.66 14.43 0.95
CA ALA A 250 -14.62 13.19 0.19
C ALA A 250 -15.99 12.88 -0.37
N ALA A 251 -16.04 11.99 -1.36
CA ALA A 251 -17.34 11.55 -1.86
C ALA A 251 -17.24 10.14 -2.39
N TYR A 252 -18.40 9.47 -2.44
CA TYR A 252 -18.43 8.13 -3.03
C TYR A 252 -19.77 7.86 -3.71
N TYR A 253 -19.75 6.86 -4.58
CA TYR A 253 -20.90 6.48 -5.39
C TYR A 253 -21.12 4.97 -5.31
N VAL A 254 -22.40 4.57 -5.27
CA VAL A 254 -22.76 3.17 -5.16
C VAL A 254 -23.74 2.77 -6.26
N GLY A 255 -23.60 1.52 -6.73
CA GLY A 255 -24.52 0.97 -7.71
C GLY A 255 -24.62 -0.54 -7.57
N TYR A 256 -25.66 -1.11 -8.19
CA TYR A 256 -26.00 -2.53 -8.04
C TYR A 256 -25.75 -3.29 -9.35
N LEU A 257 -26.02 -4.60 -9.32
CA LEU A 257 -25.68 -5.51 -10.40
C LEU A 257 -26.90 -6.31 -10.85
N GLN A 258 -26.90 -6.70 -12.12
CA GLN A 258 -28.02 -7.41 -12.72
C GLN A 258 -27.51 -8.43 -13.73
N PRO A 259 -28.31 -9.46 -14.03
CA PRO A 259 -27.91 -10.46 -15.03
C PRO A 259 -28.04 -9.92 -16.45
N ARG A 260 -26.93 -9.86 -17.17
CA ARG A 260 -26.90 -9.28 -18.50
C ARG A 260 -26.02 -10.12 -19.41
N THR A 261 -26.03 -9.73 -20.69
CA THR A 261 -25.18 -10.29 -21.72
C THR A 261 -24.40 -9.19 -22.41
N PHE A 262 -23.09 -9.40 -22.57
CA PHE A 262 -22.19 -8.38 -23.06
C PHE A 262 -21.36 -8.95 -24.21
N LEU A 263 -20.84 -8.06 -25.06
CA LEU A 263 -19.96 -8.45 -26.16
C LEU A 263 -18.63 -7.73 -25.96
N LEU A 264 -17.68 -8.43 -25.35
CA LEU A 264 -16.38 -7.87 -25.03
C LEU A 264 -15.40 -8.03 -26.20
N LYS A 265 -14.49 -7.07 -26.31
CA LYS A 265 -13.47 -7.05 -27.37
C LYS A 265 -12.09 -7.09 -26.72
N TYR A 266 -11.38 -8.21 -26.92
CA TYR A 266 -10.03 -8.33 -26.43
C TYR A 266 -9.05 -7.68 -27.41
N ASN A 267 -7.85 -7.40 -26.91
CA ASN A 267 -6.78 -6.80 -27.69
C ASN A 267 -5.76 -7.89 -28.05
N GLU A 268 -4.64 -7.46 -28.63
CA GLU A 268 -3.63 -8.42 -29.04
C GLU A 268 -2.64 -8.74 -27.93
N ASN A 269 -2.82 -8.19 -26.73
CA ASN A 269 -2.12 -8.65 -25.55
C ASN A 269 -3.01 -9.27 -24.49
N GLY A 270 -4.31 -8.98 -24.50
CA GLY A 270 -5.19 -9.50 -23.46
C GLY A 270 -5.82 -8.42 -22.62
N THR A 271 -6.09 -7.26 -23.21
CA THR A 271 -6.71 -6.14 -22.52
C THR A 271 -8.04 -5.82 -23.19
N ILE A 272 -9.06 -5.54 -22.38
CA ILE A 272 -10.38 -5.24 -22.89
C ILE A 272 -10.46 -3.77 -23.27
N THR A 273 -10.39 -3.48 -24.57
CA THR A 273 -10.36 -2.09 -25.02
C THR A 273 -11.71 -1.42 -24.88
N ASP A 274 -12.78 -2.08 -25.29
CA ASP A 274 -14.12 -1.50 -25.22
C ASP A 274 -15.13 -2.62 -25.04
N ALA A 275 -16.42 -2.25 -25.03
CA ALA A 275 -17.47 -3.23 -24.80
C ALA A 275 -18.83 -2.70 -25.26
N VAL A 276 -19.79 -3.59 -25.49
CA VAL A 276 -21.12 -3.20 -25.91
C VAL A 276 -22.15 -4.10 -25.23
N ASP A 277 -23.33 -3.51 -24.98
CA ASP A 277 -24.43 -4.14 -24.27
C ASP A 277 -25.62 -4.31 -25.19
N CYS A 278 -26.56 -5.15 -24.76
CA CYS A 278 -27.81 -5.30 -25.49
C CYS A 278 -28.99 -5.58 -24.56
N VAL B 2 10.55 2.75 -12.01
CA VAL B 2 10.58 2.22 -13.37
C VAL B 2 12.00 2.22 -13.91
N GLN B 3 12.66 3.37 -13.80
CA GLN B 3 14.03 3.50 -14.28
C GLN B 3 14.68 4.70 -13.60
N LEU B 4 15.93 4.52 -13.17
CA LEU B 4 16.66 5.56 -12.45
C LEU B 4 18.06 5.68 -13.00
N GLN B 5 18.66 6.86 -12.79
CA GLN B 5 20.04 7.13 -13.17
C GLN B 5 20.62 8.14 -12.17
N GLU B 6 21.32 7.62 -11.17
CA GLU B 6 21.97 8.47 -10.18
C GLU B 6 23.12 9.24 -10.82
N SER B 7 23.40 10.42 -10.28
CA SER B 7 24.49 11.24 -10.80
C SER B 7 25.10 12.05 -9.67
N GLY B 8 26.34 12.49 -9.88
CA GLY B 8 27.05 13.25 -8.89
C GLY B 8 28.50 13.47 -9.23
N PRO B 9 29.25 14.08 -8.33
CA PRO B 9 30.67 14.38 -8.59
C PRO B 9 31.55 13.16 -8.37
N GLY B 10 32.84 13.36 -8.57
CA GLY B 10 33.83 12.31 -8.41
C GLY B 10 34.68 12.47 -7.17
N LEU B 11 35.91 12.95 -7.35
CA LEU B 11 36.79 13.18 -6.22
C LEU B 11 36.23 14.28 -5.33
N VAL B 12 36.34 14.08 -4.02
CA VAL B 12 35.82 15.01 -3.03
C VAL B 12 36.98 15.46 -2.14
N LYS B 13 36.66 16.32 -1.18
CA LYS B 13 37.65 16.84 -0.24
C LYS B 13 37.23 16.48 1.18
N PRO B 14 38.17 16.38 2.12
CA PRO B 14 37.80 16.05 3.50
C PRO B 14 36.91 17.11 4.12
N SER B 15 35.92 16.66 4.88
CA SER B 15 35.03 17.53 5.66
C SER B 15 34.33 18.57 4.78
N GLU B 16 33.89 18.15 3.60
CA GLU B 16 33.13 19.00 2.72
C GLU B 16 31.71 18.44 2.57
N THR B 17 30.88 19.13 1.79
CA THR B 17 29.51 18.72 1.52
C THR B 17 29.51 17.81 0.30
N LEU B 18 28.89 16.63 0.44
CA LEU B 18 28.84 15.65 -0.64
C LEU B 18 27.55 15.85 -1.44
N SER B 19 27.70 16.20 -2.72
CA SER B 19 26.55 16.44 -3.58
C SER B 19 26.09 15.12 -4.20
N LEU B 20 24.85 15.11 -4.70
CA LEU B 20 24.26 13.92 -5.30
C LEU B 20 22.93 14.32 -5.93
N THR B 21 22.48 13.55 -6.91
CA THR B 21 21.22 13.83 -7.57
C THR B 21 20.60 12.56 -8.14
N CYS B 22 19.29 12.39 -7.99
CA CYS B 22 18.61 11.21 -8.48
C CYS B 22 17.48 11.64 -9.40
N THR B 23 17.63 11.38 -10.70
CA THR B 23 16.65 11.80 -11.71
C THR B 23 15.75 10.62 -12.04
N VAL B 24 14.51 10.67 -11.54
CA VAL B 24 13.56 9.60 -11.80
C VAL B 24 13.08 9.69 -13.25
N SER B 25 13.08 8.54 -13.93
CA SER B 25 12.59 8.43 -15.30
C SER B 25 11.46 7.41 -15.34
N GLY B 26 10.42 7.73 -16.10
CA GLY B 26 9.30 6.83 -16.25
C GLY B 26 8.24 6.91 -15.18
N GLY B 27 8.41 7.78 -14.19
CA GLY B 27 7.43 7.94 -13.14
C GLY B 27 7.31 9.35 -12.64
N SER B 28 6.07 9.81 -12.42
CA SER B 28 5.83 11.17 -11.92
C SER B 28 6.15 11.19 -10.43
N ILE B 29 7.15 12.00 -10.06
CA ILE B 29 7.55 12.09 -8.66
C ILE B 29 6.44 12.70 -7.82
N SER B 30 5.58 13.52 -8.43
CA SER B 30 4.49 14.16 -7.71
C SER B 30 3.22 13.32 -7.73
N SER B 31 2.86 12.77 -8.89
CA SER B 31 1.64 11.98 -9.03
C SER B 31 1.84 10.57 -8.47
N SER B 32 2.14 10.54 -7.17
CA SER B 32 2.35 9.28 -6.46
C SER B 32 2.15 9.52 -4.97
N SER B 33 2.07 8.43 -4.22
CA SER B 33 1.96 8.47 -2.77
C SER B 33 3.01 7.58 -2.11
N TYR B 34 4.18 7.47 -2.72
CA TYR B 34 5.19 6.50 -2.34
C TYR B 34 6.35 7.19 -1.63
N TYR B 35 7.34 6.40 -1.23
CA TYR B 35 8.51 6.87 -0.51
C TYR B 35 9.76 6.61 -1.34
N TRP B 36 10.83 7.34 -1.03
CA TRP B 36 12.09 7.20 -1.75
C TRP B 36 13.22 7.13 -0.73
N GLY B 37 14.34 6.53 -1.13
CA GLY B 37 15.39 6.31 -0.16
C GLY B 37 16.75 6.11 -0.76
N TRP B 38 17.76 6.23 0.09
CA TRP B 38 19.16 6.08 -0.29
C TRP B 38 19.79 4.92 0.46
N ILE B 39 20.76 4.26 -0.18
CA ILE B 39 21.42 3.10 0.40
C ILE B 39 22.90 3.14 0.05
N ARG B 40 23.74 2.68 0.99
CA ARG B 40 25.19 2.77 0.87
C ARG B 40 25.82 1.38 0.96
N GLN B 41 26.87 1.16 0.17
CA GLN B 41 27.67 -0.05 0.30
C GLN B 41 29.16 0.26 0.21
N PRO B 42 29.92 0.06 1.28
CA PRO B 42 31.36 0.28 1.22
C PRO B 42 32.04 -0.83 0.44
N PRO B 43 33.25 -0.61 -0.05
CA PRO B 43 33.97 -1.69 -0.73
C PRO B 43 34.36 -2.77 0.26
N GLY B 44 34.25 -4.02 -0.18
CA GLY B 44 34.44 -5.14 0.72
C GLY B 44 33.13 -5.81 1.07
N LYS B 45 32.64 -5.60 2.28
CA LYS B 45 31.39 -6.21 2.70
C LYS B 45 30.59 -5.22 3.52
N GLY B 46 29.28 -5.25 3.35
CA GLY B 46 28.39 -4.45 4.18
C GLY B 46 27.37 -3.63 3.43
N LEU B 47 26.19 -3.46 4.05
CA LEU B 47 25.14 -2.59 3.54
C LEU B 47 24.60 -1.75 4.68
N GLU B 48 24.18 -0.53 4.37
CA GLU B 48 23.58 0.35 5.37
C GLU B 48 22.55 1.24 4.70
N TRP B 49 21.46 1.51 5.41
CA TRP B 49 20.42 2.41 4.95
C TRP B 49 20.59 3.77 5.63
N ILE B 50 20.67 4.83 4.84
CA ILE B 50 21.07 6.14 5.33
C ILE B 50 19.88 7.07 5.54
N GLY B 51 18.92 7.06 4.62
CA GLY B 51 17.78 7.96 4.78
C GLY B 51 16.65 7.62 3.83
N SER B 52 15.46 8.10 4.21
CA SER B 52 14.25 7.98 3.40
C SER B 52 13.48 9.28 3.44
N ILE B 53 12.83 9.62 2.32
CA ILE B 53 12.13 10.88 2.16
C ILE B 53 10.78 10.64 1.50
N TYR B 54 9.91 11.64 1.67
CA TYR B 54 8.58 11.71 1.09
C TYR B 54 8.41 13.09 0.50
N TYR B 55 7.71 13.19 -0.62
CA TYR B 55 7.52 14.50 -1.22
C TYR B 55 6.63 15.35 -0.33
N SER B 56 6.92 16.64 -0.28
CA SER B 56 6.24 17.58 0.61
C SER B 56 6.46 17.20 2.08
N GLY B 57 7.72 17.23 2.47
CA GLY B 57 8.07 17.12 3.89
C GLY B 57 8.11 15.69 4.41
N SER B 58 8.08 15.60 5.74
CA SER B 58 8.10 14.32 6.46
C SER B 58 9.36 13.52 6.14
N THR B 59 10.49 14.06 6.58
CA THR B 59 11.78 13.41 6.40
C THR B 59 12.11 12.50 7.59
N TYR B 60 12.91 11.48 7.33
CA TYR B 60 13.43 10.59 8.35
C TYR B 60 14.94 10.47 8.17
N TYR B 61 15.61 9.98 9.21
CA TYR B 61 17.06 9.86 9.16
C TYR B 61 17.50 8.65 9.97
N ASN B 62 18.62 8.06 9.56
CA ASN B 62 19.18 6.92 10.26
C ASN B 62 19.67 7.35 11.64
N PRO B 63 19.38 6.57 12.69
CA PRO B 63 19.84 6.96 14.03
C PRO B 63 21.35 7.09 14.13
N SER B 64 22.09 6.24 13.44
CA SER B 64 23.54 6.36 13.39
C SER B 64 23.94 7.31 12.28
N LEU B 65 24.90 8.19 12.58
CA LEU B 65 25.34 9.23 11.64
C LEU B 65 24.16 10.10 11.21
N LYS B 66 23.52 10.69 12.21
CA LYS B 66 22.32 11.51 12.00
C LYS B 66 22.59 13.00 12.05
N SER B 67 23.75 13.41 12.56
CA SER B 67 24.00 14.84 12.74
C SER B 67 24.16 15.57 11.42
N ARG B 68 24.89 14.98 10.46
CA ARG B 68 25.35 15.71 9.29
C ARG B 68 24.64 15.31 7.99
N VAL B 69 23.45 14.72 8.08
CA VAL B 69 22.74 14.22 6.89
C VAL B 69 21.46 15.04 6.71
N THR B 70 21.24 15.51 5.47
CA THR B 70 19.97 16.13 5.09
C THR B 70 19.54 15.59 3.74
N ILE B 71 18.23 15.63 3.48
CA ILE B 71 17.67 15.15 2.22
C ILE B 71 16.66 16.17 1.73
N SER B 72 16.68 16.44 0.42
CA SER B 72 15.80 17.42 -0.18
C SER B 72 15.21 16.87 -1.46
N VAL B 73 14.04 17.40 -1.84
CA VAL B 73 13.36 17.04 -3.07
C VAL B 73 13.00 18.32 -3.83
N ASP B 74 13.23 18.32 -5.13
CA ASP B 74 12.91 19.46 -5.99
C ASP B 74 11.68 19.06 -6.80
N THR B 75 10.50 19.41 -6.30
CA THR B 75 9.25 18.97 -6.89
C THR B 75 9.02 19.54 -8.28
N SER B 76 9.76 20.57 -8.70
CA SER B 76 9.61 21.10 -10.04
C SER B 76 9.95 20.06 -11.08
N LYS B 77 11.03 19.30 -10.86
CA LYS B 77 11.41 18.18 -11.68
C LYS B 77 11.26 16.89 -10.88
N ASN B 78 11.70 15.78 -11.45
CA ASN B 78 11.72 14.50 -10.73
C ASN B 78 13.11 14.23 -10.16
N GLN B 79 13.52 15.08 -9.22
CA GLN B 79 14.86 15.02 -8.67
C GLN B 79 14.83 15.14 -7.15
N PHE B 80 15.73 14.38 -6.51
CA PHE B 80 15.99 14.54 -5.08
C PHE B 80 17.47 14.35 -4.83
N SER B 81 17.93 14.96 -3.74
CA SER B 81 19.34 15.05 -3.42
C SER B 81 19.58 14.76 -1.95
N LEU B 82 20.80 14.31 -1.67
CA LEU B 82 21.26 13.96 -0.33
C LEU B 82 22.51 14.75 -0.03
N LYS B 83 22.55 15.41 1.13
CA LYS B 83 23.62 16.32 1.51
C LYS B 83 24.31 15.81 2.77
N LEU B 84 25.64 15.73 2.72
CA LEU B 84 26.48 15.49 3.89
C LEU B 84 27.37 16.71 4.09
N SER B 85 27.16 17.39 5.22
CA SER B 85 27.93 18.60 5.50
C SER B 85 29.40 18.28 5.74
N SER B 86 29.68 17.21 6.45
CA SER B 86 31.04 16.80 6.77
C SER B 86 31.22 15.32 6.46
N VAL B 87 32.41 14.98 5.94
CA VAL B 87 32.75 13.61 5.59
C VAL B 87 34.09 13.26 6.22
N THR B 88 34.31 11.96 6.40
CA THR B 88 35.53 11.43 6.99
C THR B 88 36.24 10.54 5.98
N ALA B 89 37.37 9.98 6.40
CA ALA B 89 38.15 9.11 5.54
C ALA B 89 37.52 7.74 5.32
N ALA B 90 36.47 7.40 6.08
CA ALA B 90 35.81 6.10 5.97
C ALA B 90 34.39 6.22 5.44
N ASP B 91 34.05 7.33 4.78
CA ASP B 91 32.73 7.52 4.22
C ASP B 91 32.65 7.17 2.74
N THR B 92 33.75 6.72 2.13
CA THR B 92 33.75 6.37 0.72
C THR B 92 33.05 5.03 0.49
N ALA B 93 32.17 4.99 -0.50
CA ALA B 93 31.35 3.81 -0.76
C ALA B 93 30.71 3.97 -2.14
N VAL B 94 29.78 3.08 -2.45
CA VAL B 94 28.95 3.15 -3.65
C VAL B 94 27.51 3.37 -3.21
N TYR B 95 26.85 4.36 -3.80
CA TYR B 95 25.55 4.83 -3.34
C TYR B 95 24.47 4.49 -4.35
N TYR B 96 23.27 4.18 -3.86
CA TYR B 96 22.16 3.74 -4.68
C TYR B 96 20.89 4.45 -4.27
N CYS B 97 20.05 4.76 -5.27
CA CYS B 97 18.68 5.18 -5.05
C CYS B 97 17.79 3.95 -4.85
N ALA B 98 16.58 4.19 -4.35
CA ALA B 98 15.64 3.10 -4.17
C ALA B 98 14.20 3.60 -4.25
N ARG B 99 13.28 2.64 -4.41
CA ARG B 99 11.85 2.88 -4.36
C ARG B 99 11.23 1.87 -3.40
N CYS B 100 10.36 2.33 -2.53
CA CYS B 100 9.72 1.45 -1.55
C CYS B 100 8.50 0.78 -2.18
N ARG B 101 8.40 -0.54 -2.00
CA ARG B 101 7.35 -1.32 -2.63
C ARG B 101 5.97 -0.86 -2.12
N PRO B 102 4.99 -0.74 -3.01
CA PRO B 102 3.70 -0.18 -2.62
C PRO B 102 2.79 -1.20 -1.95
N GLU B 103 1.70 -0.67 -1.38
CA GLU B 103 0.70 -1.48 -0.70
C GLU B 103 -0.18 -2.17 -1.74
N TYR B 104 -0.90 -3.20 -1.30
CA TYR B 104 -1.56 -4.11 -2.24
C TYR B 104 -3.07 -3.96 -2.25
N TYR B 105 -3.69 -3.73 -1.09
CA TYR B 105 -5.13 -3.75 -0.96
C TYR B 105 -5.80 -2.41 -1.20
N PHE B 106 -5.18 -1.30 -0.79
CA PHE B 106 -5.87 -0.03 -0.80
C PHE B 106 -5.18 1.01 -1.68
N GLY B 107 -3.86 0.91 -1.81
CA GLY B 107 -3.07 1.98 -2.35
C GLY B 107 -2.79 3.04 -1.30
N SER B 108 -2.05 4.06 -1.71
CA SER B 108 -1.62 5.11 -0.79
C SER B 108 -0.84 4.51 0.37
N GLY B 109 0.33 3.93 0.09
CA GLY B 109 1.18 3.40 1.14
C GLY B 109 2.30 2.54 0.61
N SER B 110 3.47 2.67 1.22
CA SER B 110 4.65 1.89 0.87
C SER B 110 5.13 1.10 2.08
N TYR B 111 5.45 -0.18 1.85
CA TYR B 111 5.99 -1.02 2.90
C TYR B 111 7.43 -0.61 3.24
N LEU B 112 8.02 -1.32 4.20
CA LEU B 112 9.40 -1.06 4.61
C LEU B 112 10.35 -2.05 3.93
N ASP B 113 10.32 -2.06 2.60
CA ASP B 113 11.17 -2.93 1.81
C ASP B 113 11.43 -2.24 0.48
N PHE B 114 12.50 -2.65 -0.18
CA PHE B 114 13.00 -1.95 -1.36
C PHE B 114 12.89 -2.83 -2.59
N ASP B 115 12.51 -2.22 -3.70
CA ASP B 115 12.59 -2.85 -5.01
C ASP B 115 12.83 -1.75 -6.04
N TYR B 116 13.19 -2.18 -7.25
CA TYR B 116 13.42 -1.27 -8.38
C TYR B 116 14.54 -0.28 -8.06
N TRP B 117 15.75 -0.80 -7.91
CA TRP B 117 16.90 0.04 -7.65
C TRP B 117 17.46 0.58 -8.97
N GLY B 118 18.65 1.17 -8.90
CA GLY B 118 19.33 1.66 -10.07
C GLY B 118 20.83 1.51 -9.93
N GLN B 119 21.54 1.82 -11.01
CA GLN B 119 22.99 1.70 -11.02
C GLN B 119 23.60 2.72 -10.07
N GLY B 120 24.82 2.43 -9.62
CA GLY B 120 25.46 3.22 -8.58
C GLY B 120 26.73 3.89 -9.06
N THR B 121 27.04 5.02 -8.42
CA THR B 121 28.26 5.77 -8.66
C THR B 121 29.22 5.58 -7.49
N LEU B 122 30.44 6.10 -7.65
CA LEU B 122 31.49 5.92 -6.67
C LEU B 122 32.00 7.28 -6.22
N VAL B 123 32.13 7.44 -4.90
CA VAL B 123 32.68 8.67 -4.31
C VAL B 123 33.89 8.29 -3.47
N THR B 124 35.03 8.89 -3.77
CA THR B 124 36.27 8.58 -3.08
C THR B 124 36.41 9.48 -1.86
N VAL B 125 37.60 9.51 -1.27
CA VAL B 125 37.91 10.42 -0.17
C VAL B 125 39.39 10.76 -0.23
N SER B 126 39.73 12.02 0.03
CA SER B 126 41.10 12.51 -0.01
C SER B 126 41.75 12.26 -1.37
N ASP C 1 17.20 -1.11 17.14
CA ASP C 1 18.09 -1.96 17.92
C ASP C 1 17.84 -3.43 17.60
N ILE C 2 17.88 -3.77 16.31
CA ILE C 2 17.70 -5.14 15.85
C ILE C 2 19.01 -5.59 15.23
N GLN C 3 19.52 -6.73 15.68
CA GLN C 3 20.80 -7.26 15.23
C GLN C 3 20.59 -8.61 14.60
N MET C 4 21.34 -8.88 13.52
CA MET C 4 21.26 -10.17 12.85
C MET C 4 22.64 -10.79 12.65
N THR C 5 22.64 -12.12 12.55
CA THR C 5 23.83 -12.89 12.20
C THR C 5 23.45 -13.91 11.14
N GLN C 6 24.33 -14.06 10.15
CA GLN C 6 24.13 -14.99 9.06
C GLN C 6 25.20 -16.07 9.16
N SER C 7 24.80 -17.30 9.48
CA SER C 7 25.78 -18.28 9.97
C SER C 7 26.64 -18.89 8.87
N PRO C 8 26.10 -19.38 7.75
CA PRO C 8 26.99 -19.92 6.71
C PRO C 8 27.80 -18.80 6.07
N SER C 9 28.97 -19.18 5.56
CA SER C 9 29.81 -18.24 4.82
C SER C 9 30.67 -19.01 3.83
N SER C 10 30.63 -18.60 2.57
CA SER C 10 31.45 -19.17 1.50
C SER C 10 31.20 -20.67 1.34
N VAL C 11 29.96 -21.01 0.99
CA VAL C 11 29.62 -22.40 0.74
C VAL C 11 30.01 -22.78 -0.67
N SER C 12 30.46 -24.03 -0.82
CA SER C 12 30.88 -24.59 -2.09
C SER C 12 29.92 -25.71 -2.47
N ALA C 13 29.56 -25.76 -3.74
CA ALA C 13 28.59 -26.75 -4.20
C ALA C 13 28.90 -27.12 -5.65
N SER C 14 28.28 -28.21 -6.09
CA SER C 14 28.38 -28.66 -7.47
C SER C 14 27.13 -28.22 -8.24
N VAL C 15 27.02 -28.67 -9.49
CA VAL C 15 25.92 -28.22 -10.35
C VAL C 15 24.58 -28.73 -9.83
N GLY C 16 24.51 -30.00 -9.47
CA GLY C 16 23.29 -30.53 -8.89
C GLY C 16 23.48 -30.93 -7.44
N ASP C 17 22.93 -30.15 -6.52
CA ASP C 17 23.09 -30.38 -5.09
C ASP C 17 21.97 -29.64 -4.37
N ARG C 18 22.13 -29.51 -3.05
CA ARG C 18 21.18 -28.76 -2.23
C ARG C 18 21.96 -27.95 -1.22
N VAL C 19 21.70 -26.65 -1.17
CA VAL C 19 22.43 -25.73 -0.30
C VAL C 19 21.41 -24.95 0.53
N THR C 20 21.85 -24.53 1.71
CA THR C 20 20.94 -23.93 2.68
C THR C 20 21.66 -22.85 3.46
N ILE C 21 20.95 -21.76 3.75
CA ILE C 21 21.47 -20.62 4.48
C ILE C 21 20.49 -20.27 5.58
N THR C 22 21.01 -19.89 6.75
CA THR C 22 20.18 -19.52 7.90
C THR C 22 20.53 -18.11 8.36
N CYS C 23 19.49 -17.31 8.61
CA CYS C 23 19.66 -15.93 9.08
C CYS C 23 18.94 -15.80 10.41
N ARG C 24 19.69 -15.49 11.46
CA ARG C 24 19.18 -15.43 12.82
C ARG C 24 18.95 -14.00 13.25
N ALA C 25 17.82 -13.77 13.94
CA ALA C 25 17.49 -12.46 14.48
C ALA C 25 17.87 -12.40 15.95
N SER C 26 17.51 -11.29 16.60
CA SER C 26 17.81 -11.11 18.01
C SER C 26 16.55 -10.69 18.77
N GLN C 27 15.66 -9.97 18.09
CA GLN C 27 14.39 -9.57 18.67
C GLN C 27 13.33 -10.62 18.31
N GLY C 28 12.07 -10.27 18.50
CA GLY C 28 10.98 -11.19 18.24
C GLY C 28 10.14 -10.86 17.04
N ILE C 29 10.78 -10.54 15.91
CA ILE C 29 10.03 -10.19 14.70
C ILE C 29 9.09 -11.33 14.33
N SER C 30 7.96 -10.97 13.73
CA SER C 30 6.87 -11.92 13.46
C SER C 30 6.69 -12.09 11.96
N SER C 31 7.43 -13.03 11.38
CA SER C 31 7.23 -13.53 10.02
C SER C 31 7.40 -12.46 8.94
N TRP C 32 8.12 -11.37 9.24
CA TRP C 32 8.44 -10.34 8.24
C TRP C 32 9.94 -10.36 7.98
N LEU C 33 10.32 -10.59 6.73
CA LEU C 33 11.73 -10.67 6.38
C LEU C 33 11.87 -10.52 4.86
N ALA C 34 13.11 -10.32 4.41
CA ALA C 34 13.38 -10.17 2.99
C ALA C 34 14.76 -10.74 2.66
N TRP C 35 14.86 -11.31 1.46
CA TRP C 35 16.10 -11.89 0.95
C TRP C 35 16.52 -11.22 -0.34
N TYR C 36 17.83 -11.05 -0.52
CA TYR C 36 18.39 -10.29 -1.63
C TYR C 36 19.54 -11.07 -2.26
N GLN C 37 19.71 -10.87 -3.58
CA GLN C 37 20.78 -11.49 -4.35
C GLN C 37 21.58 -10.43 -5.07
N GLN C 38 22.90 -10.57 -5.09
CA GLN C 38 23.77 -9.56 -5.70
C GLN C 38 24.78 -10.23 -6.62
N LYS C 39 24.49 -10.23 -7.92
CA LYS C 39 25.51 -10.62 -8.89
C LYS C 39 26.62 -9.58 -8.90
N PRO C 40 27.85 -9.99 -9.19
CA PRO C 40 28.98 -9.03 -9.14
C PRO C 40 28.80 -7.92 -10.15
N GLY C 41 29.19 -6.70 -9.74
CA GLY C 41 29.17 -5.58 -10.65
C GLY C 41 27.79 -5.06 -11.02
N LYS C 42 26.79 -5.27 -10.18
CA LYS C 42 25.44 -4.78 -10.45
C LYS C 42 24.85 -4.27 -9.16
N ALA C 43 23.58 -3.99 -9.18
CA ALA C 43 22.79 -3.60 -8.03
C ALA C 43 21.95 -4.77 -7.56
N PRO C 44 21.64 -4.86 -6.26
CA PRO C 44 20.88 -5.99 -5.77
C PRO C 44 19.48 -6.04 -6.37
N LYS C 45 18.95 -7.25 -6.48
CA LYS C 45 17.59 -7.47 -6.92
C LYS C 45 16.86 -8.36 -5.93
N LEU C 46 15.59 -8.06 -5.72
CA LEU C 46 14.80 -8.77 -4.72
C LEU C 46 14.41 -10.16 -5.22
N LEU C 47 14.36 -11.10 -4.28
CA LEU C 47 13.98 -12.47 -4.62
C LEU C 47 12.75 -12.96 -3.85
N ILE C 48 12.74 -12.78 -2.54
CA ILE C 48 11.67 -13.30 -1.69
C ILE C 48 11.23 -12.21 -0.73
N TYR C 49 9.93 -11.96 -0.68
CA TYR C 49 9.37 -10.99 0.25
C TYR C 49 8.49 -11.70 1.27
N ALA C 50 8.23 -11.01 2.38
CA ALA C 50 7.52 -11.58 3.52
C ALA C 50 8.24 -12.83 3.99
N ALA C 51 7.53 -13.71 4.70
CA ALA C 51 8.15 -14.95 5.13
C ALA C 51 8.47 -15.85 3.94
N SER C 52 7.48 -16.10 3.08
CA SER C 52 7.63 -17.07 2.00
C SER C 52 6.71 -16.68 0.85
N SER C 53 7.30 -16.18 -0.22
CA SER C 53 6.56 -15.75 -1.40
C SER C 53 7.57 -15.57 -2.53
N LEU C 54 7.13 -14.95 -3.62
CA LEU C 54 8.02 -14.67 -4.73
C LEU C 54 7.39 -13.57 -5.58
N GLN C 55 8.23 -12.67 -6.09
CA GLN C 55 7.76 -11.61 -6.96
C GLN C 55 8.33 -11.81 -8.37
N SER C 56 7.68 -11.17 -9.34
CA SER C 56 8.12 -11.18 -10.74
C SER C 56 8.29 -12.59 -11.27
N GLY C 57 9.30 -12.80 -12.11
CA GLY C 57 9.48 -14.08 -12.77
C GLY C 57 10.76 -14.79 -12.39
N VAL C 58 11.14 -14.69 -11.13
CA VAL C 58 12.30 -15.41 -10.60
C VAL C 58 12.04 -16.90 -10.72
N PRO C 59 13.01 -17.72 -11.14
CA PRO C 59 12.76 -19.15 -11.30
C PRO C 59 12.28 -19.81 -10.02
N SER C 60 11.39 -20.79 -10.15
CA SER C 60 10.74 -21.40 -8.99
C SER C 60 11.61 -22.43 -8.28
N ARG C 61 12.92 -22.40 -8.53
CA ARG C 61 13.89 -23.19 -7.77
C ARG C 61 14.34 -22.47 -6.50
N PHE C 62 13.65 -21.40 -6.11
CA PHE C 62 13.98 -20.60 -4.94
C PHE C 62 12.80 -20.63 -4.00
N SER C 63 13.02 -21.10 -2.77
CA SER C 63 11.93 -21.15 -1.80
C SER C 63 12.52 -21.27 -0.40
N GLY C 64 11.87 -20.59 0.55
CA GLY C 64 12.30 -20.64 1.92
C GLY C 64 11.11 -20.67 2.86
N SER C 65 11.36 -21.18 4.06
CA SER C 65 10.35 -21.26 5.10
C SER C 65 10.62 -20.21 6.17
N GLY C 66 9.78 -20.19 7.20
CA GLY C 66 9.87 -19.14 8.20
C GLY C 66 9.43 -19.59 9.57
N SER C 67 9.65 -18.71 10.53
CA SER C 67 9.31 -18.93 11.94
C SER C 67 9.39 -17.57 12.62
N GLY C 68 9.40 -17.56 13.96
CA GLY C 68 9.43 -16.33 14.70
C GLY C 68 10.80 -15.83 15.12
N THR C 69 11.80 -16.72 15.15
CA THR C 69 13.15 -16.31 15.52
C THR C 69 14.21 -17.00 14.65
N ASP C 70 13.81 -17.91 13.77
CA ASP C 70 14.75 -18.57 12.86
C ASP C 70 14.18 -18.48 11.45
N PHE C 71 15.07 -18.60 10.47
CA PHE C 71 14.69 -18.49 9.08
C PHE C 71 15.70 -19.25 8.25
N THR C 72 15.33 -19.54 7.00
CA THR C 72 16.23 -20.29 6.13
C THR C 72 15.91 -20.01 4.67
N LEU C 73 16.85 -20.38 3.81
CA LEU C 73 16.68 -20.33 2.36
C LEU C 73 17.39 -21.51 1.74
N THR C 74 16.72 -22.16 0.79
CA THR C 74 17.29 -23.32 0.12
C THR C 74 16.89 -23.32 -1.35
N ILE C 75 17.80 -23.75 -2.21
CA ILE C 75 17.56 -23.84 -3.64
C ILE C 75 17.68 -25.29 -4.06
N SER C 76 16.81 -25.70 -4.98
CA SER C 76 16.73 -27.10 -5.37
C SER C 76 17.93 -27.55 -6.19
N SER C 77 18.36 -26.75 -7.16
CA SER C 77 19.48 -27.11 -8.01
C SER C 77 20.15 -25.84 -8.52
N LEU C 78 21.39 -25.99 -8.95
CA LEU C 78 22.22 -24.88 -9.40
C LEU C 78 22.30 -24.84 -10.91
N GLN C 79 22.67 -23.68 -11.42
CA GLN C 79 23.05 -23.48 -12.81
C GLN C 79 24.27 -22.58 -12.83
N PRO C 80 25.05 -22.61 -13.91
CA PRO C 80 26.27 -21.76 -13.97
C PRO C 80 26.00 -20.28 -13.80
N GLU C 81 24.74 -19.84 -13.79
CA GLU C 81 24.42 -18.44 -13.56
C GLU C 81 24.11 -18.14 -12.09
N ASP C 82 24.13 -19.13 -11.22
CA ASP C 82 23.87 -18.93 -9.80
C ASP C 82 25.20 -18.89 -9.06
N PHE C 83 25.75 -17.68 -8.92
CA PHE C 83 27.01 -17.48 -8.22
C PHE C 83 27.01 -16.04 -7.72
N ALA C 84 26.71 -15.85 -6.44
CA ALA C 84 26.58 -14.50 -5.92
C ALA C 84 26.59 -14.54 -4.40
N THR C 85 26.32 -13.38 -3.82
CA THR C 85 26.16 -13.19 -2.39
C THR C 85 24.70 -12.87 -2.08
N TYR C 86 24.20 -13.45 -0.99
CA TYR C 86 22.82 -13.29 -0.58
C TYR C 86 22.75 -12.59 0.77
N TYR C 87 21.67 -11.83 0.97
CA TYR C 87 21.50 -10.96 2.12
C TYR C 87 20.11 -11.15 2.72
N CYS C 88 20.00 -10.87 4.02
CA CYS C 88 18.72 -10.90 4.73
C CYS C 88 18.47 -9.58 5.44
N GLN C 89 17.23 -9.11 5.38
CA GLN C 89 16.86 -7.81 5.91
C GLN C 89 15.51 -7.89 6.63
N GLN C 90 15.33 -7.04 7.63
CA GLN C 90 14.09 -6.99 8.39
C GLN C 90 13.18 -5.88 7.88
N ALA C 91 11.90 -6.02 8.20
CA ALA C 91 10.87 -5.09 7.75
C ALA C 91 9.90 -4.79 8.88
N ASN C 92 10.43 -4.52 10.07
CA ASN C 92 9.61 -4.32 11.26
C ASN C 92 9.71 -2.92 11.83
N SER C 93 10.90 -2.46 12.17
CA SER C 93 11.08 -1.21 12.90
C SER C 93 11.76 -0.17 12.04
N PHE C 94 11.79 1.06 12.56
CA PHE C 94 12.33 2.19 11.81
C PHE C 94 13.82 2.04 11.50
N PRO C 95 14.70 1.64 12.43
CA PRO C 95 16.12 1.52 12.08
C PRO C 95 16.39 0.27 11.25
N LEU C 96 16.19 0.36 9.93
CA LEU C 96 16.42 -0.77 9.06
C LEU C 96 17.86 -1.28 9.18
N THR C 97 18.01 -2.59 9.22
CA THR C 97 19.31 -3.23 9.35
C THR C 97 19.46 -4.35 8.32
N PHE C 98 20.71 -4.63 7.97
CA PHE C 98 21.06 -5.59 6.93
C PHE C 98 22.03 -6.61 7.49
N GLY C 99 22.15 -7.75 6.79
CA GLY C 99 23.02 -8.81 7.23
C GLY C 99 24.40 -8.77 6.62
N GLY C 100 25.26 -9.67 7.10
CA GLY C 100 26.63 -9.71 6.63
C GLY C 100 26.80 -10.34 5.27
N GLY C 101 25.81 -11.12 4.83
CA GLY C 101 25.84 -11.73 3.51
C GLY C 101 26.56 -13.06 3.51
N THR C 102 26.17 -13.92 2.57
CA THR C 102 26.81 -15.22 2.41
C THR C 102 27.09 -15.49 0.94
N LYS C 103 28.20 -16.15 0.67
CA LYS C 103 28.71 -16.33 -0.68
C LYS C 103 28.50 -17.77 -1.12
N VAL C 104 27.97 -17.97 -2.33
CA VAL C 104 27.73 -19.32 -2.87
C VAL C 104 28.58 -19.48 -4.11
N GLU C 105 29.40 -20.54 -4.15
CA GLU C 105 30.26 -20.76 -5.30
C GLU C 105 30.16 -22.21 -5.76
N ILE C 106 30.45 -22.42 -7.04
CA ILE C 106 30.21 -23.69 -7.72
C ILE C 106 31.53 -24.42 -7.86
N LYS C 107 31.56 -25.69 -7.44
CA LYS C 107 32.76 -26.50 -7.58
C LYS C 107 32.46 -27.79 -8.33
C1 NAG D . -3.97 -0.97 14.01
C2 NAG D . -3.14 -0.63 15.23
C3 NAG D . -2.20 -1.78 15.56
C4 NAG D . -2.99 -3.08 15.70
C5 NAG D . -3.86 -3.31 14.47
C6 NAG D . -4.77 -4.51 14.60
C7 NAG D . -2.85 1.79 15.41
C8 NAG D . -1.95 2.97 15.12
N2 NAG D . -2.40 0.59 15.03
O3 NAG D . -1.52 -1.51 16.76
O4 NAG D . -2.09 -4.18 15.81
O5 NAG D . -4.70 -2.17 14.24
O6 NAG D . -4.02 -5.71 14.71
O7 NAG D . -3.94 1.93 15.94
C1 NAG D . -1.97 -4.63 17.17
C2 NAG D . -0.84 -5.66 17.23
C3 NAG D . -0.61 -6.10 18.68
C4 NAG D . -0.38 -4.89 19.57
C5 NAG D . -1.54 -3.91 19.43
C6 NAG D . -1.35 -2.63 20.20
C7 NAG D . -0.20 -7.48 15.73
C8 NAG D . -0.67 -8.66 14.93
N2 NAG D . -1.14 -6.83 16.40
O3 NAG D . 0.51 -6.97 18.73
O4 NAG D . -0.30 -5.29 20.93
O5 NAG D . -1.69 -3.54 18.05
O6 NAG D . -0.40 -2.80 21.25
O7 NAG D . 0.98 -7.16 15.76
C1 NAG E . -27.18 6.30 20.42
C2 NAG E . -27.27 5.97 21.92
C3 NAG E . -28.21 4.79 22.15
C4 NAG E . -29.56 5.07 21.52
C5 NAG E . -29.38 5.35 20.05
C6 NAG E . -30.67 5.71 19.34
C7 NAG E . -25.46 6.31 23.54
C8 NAG E . -26.34 7.35 24.16
N2 NAG E . -25.95 5.68 22.47
O3 NAG E . -28.34 4.60 23.56
O4 NAG E . -30.48 4.00 21.72
O5 NAG E . -28.50 6.47 19.88
O6 NAG E . -31.77 5.01 19.92
O7 NAG E . -24.35 6.04 24.00
C1 NAG E . -29.87 2.71 21.50
C2 NAG E . -30.55 1.75 22.47
C3 NAG E . -29.98 0.34 22.29
C4 NAG E . -30.10 -0.10 20.84
C5 NAG E . -29.46 0.94 19.92
C6 NAG E . -29.66 0.64 18.46
C7 NAG E . -31.36 2.73 24.57
C8 NAG E . -31.01 3.14 25.97
N2 NAG E . -30.37 2.20 23.84
O3 NAG E . -30.70 -0.56 23.13
O4 NAG E . -29.45 -1.35 20.66
O5 NAG E . -30.04 2.23 20.16
O6 NAG E . -28.41 0.63 17.76
O7 NAG E . -32.49 2.89 24.10
C1 NAG F . -29.90 -14.63 5.38
C2 NAG F . -30.72 -15.72 4.67
C3 NAG F . -32.16 -15.27 4.46
C4 NAG F . -32.77 -14.81 5.78
C5 NAG F . -31.90 -13.72 6.38
C6 NAG F . -32.40 -13.25 7.73
C7 NAG F . -29.96 -15.31 2.36
C8 NAG F . -29.32 -15.93 1.16
N2 NAG F . -30.12 -16.12 3.42
O3 NAG F . -32.93 -16.35 3.93
O4 NAG F . -34.08 -14.30 5.56
O5 NAG F . -30.58 -14.22 6.58
O6 NAG F . -33.79 -12.95 7.69
O7 NAG F . -30.32 -14.14 2.37
C1 NAG G . -32.73 7.77 -12.38
C2 NAG G . -33.69 7.36 -13.50
C3 NAG G . -34.58 8.54 -13.91
C4 NAG G . -35.28 9.11 -12.68
C5 NAG G . -34.27 9.46 -11.60
C6 NAG G . -34.91 9.91 -10.31
C7 NAG G . -33.25 5.71 -15.26
C8 NAG G . -34.40 4.93 -14.69
N2 NAG G . -32.95 6.86 -14.65
O3 NAG G . -35.53 8.10 -14.86
O4 NAG G . -36.00 10.29 -13.05
O5 NAG G . -33.49 8.29 -11.28
O6 NAG G . -34.51 9.10 -9.21
O7 NAG G . -32.61 5.31 -16.23
C1 NAG H . 3.95 15.22 19.89
C2 NAG H . 5.42 14.91 20.18
C3 NAG H . 5.58 14.11 21.48
C4 NAG H . 4.84 14.79 22.62
C5 NAG H . 3.39 15.08 22.21
C6 NAG H . 2.62 15.84 23.26
C7 NAG H . 5.88 13.07 18.47
C8 NAG H . 4.75 12.24 19.01
N2 NAG H . 6.12 14.26 19.05
O3 NAG H . 6.97 14.00 21.80
O4 NAG H . 4.85 13.97 23.78
O5 NAG H . 3.37 15.87 21.02
O6 NAG H . 3.24 17.08 23.56
O7 NAG H . 6.57 12.69 17.53
#